data_4H2Z
#
_entry.id   4H2Z
#
_cell.length_a   74.605
_cell.length_b   49.998
_cell.length_c   65.457
_cell.angle_alpha   90.00
_cell.angle_beta   118.62
_cell.angle_gamma   90.00
#
_symmetry.space_group_name_H-M   'C 1 2 1'
#
loop_
_entity.id
_entity.type
_entity.pdbx_description
1 polymer 'Glycolipid transfer protein'
2 non-polymer N-{(2S,3R,4E)-3-hydroxy-1-[(3-O-sulfo-beta-D-galactopyranosyl)oxy]octadec-4-en-2-yl}dodecanamide
3 non-polymer PENTADECANE
4 non-polymer 'SODIUM ION'
5 water water
#
_entity_poly.entity_id   1
_entity_poly.type   'polypeptide(L)'
_entity_poly.pdbx_seq_one_letter_code
;MALLAEHLLKPLPADKQIETGPFLEAVSHLPPFFDCLGSPVFTPIKADISGNITKIKAVYDTNPAKFRTLQNILEVEKEM
YGAEWPKVGATLALMWLKRGLRFIQVFLQSICDGERDENHPNLIRVNATKAYEMALKKYHGWIVQKIFQAALYAAPYKSD
FLKALSKGQNVTEEECLEKIRLFLVNYTATIDVIYEMYTQMNAELNYKV
;
_entity_poly.pdbx_strand_id   A
#
# COMPACT_ATOMS: atom_id res chain seq x y z
N HIS A 7 -7.90 -10.60 7.14
CA HIS A 7 -7.77 -10.56 5.67
C HIS A 7 -6.25 -10.61 5.28
N LEU A 8 -5.65 -11.73 5.67
CA LEU A 8 -4.26 -11.98 5.37
C LEU A 8 -4.15 -12.18 3.89
N LEU A 9 -3.00 -11.79 3.37
CA LEU A 9 -2.66 -12.13 2.01
C LEU A 9 -2.29 -13.62 1.94
N LYS A 10 -2.50 -14.20 0.76
CA LYS A 10 -2.08 -15.54 0.49
C LYS A 10 -0.55 -15.63 0.53
N PRO A 11 -0.04 -16.77 0.99
CA PRO A 11 1.39 -17.01 0.84
C PRO A 11 1.85 -16.97 -0.66
N LEU A 12 3.11 -16.68 -0.93
CA LEU A 12 3.63 -16.65 -2.29
C LEU A 12 3.89 -18.09 -2.73
N PRO A 13 3.48 -18.45 -3.93
CA PRO A 13 3.87 -19.76 -4.48
C PRO A 13 5.35 -19.78 -4.90
N ALA A 14 5.89 -20.95 -5.17
CA ALA A 14 7.29 -21.06 -5.54
C ALA A 14 7.63 -20.18 -6.74
N ASP A 15 6.68 -20.02 -7.67
CA ASP A 15 6.95 -19.25 -8.86
C ASP A 15 6.76 -17.76 -8.67
N LYS A 16 6.37 -17.36 -7.45
N LYS A 16 6.41 -17.34 -7.45
CA LYS A 16 6.20 -15.97 -7.04
CA LYS A 16 6.23 -15.92 -7.10
C LYS A 16 5.13 -15.22 -7.82
C LYS A 16 5.23 -15.23 -7.98
N GLN A 17 4.24 -15.97 -8.46
CA GLN A 17 3.16 -15.34 -9.23
C GLN A 17 2.07 -15.00 -8.23
N ILE A 18 1.50 -13.82 -8.45
CA ILE A 18 0.46 -13.28 -7.59
C ILE A 18 -0.86 -13.25 -8.34
N GLU A 19 -1.81 -14.06 -7.92
CA GLU A 19 -3.09 -14.11 -8.57
C GLU A 19 -3.82 -12.78 -8.38
N THR A 20 -4.32 -12.19 -9.47
CA THR A 20 -4.94 -10.87 -9.45
C THR A 20 -6.22 -10.85 -8.58
N GLY A 21 -7.10 -11.80 -8.81
CA GLY A 21 -8.41 -11.78 -8.12
C GLY A 21 -8.27 -11.76 -6.62
N PRO A 22 -7.49 -12.72 -6.10
CA PRO A 22 -7.33 -12.74 -4.65
C PRO A 22 -6.56 -11.56 -4.07
N PHE A 23 -5.61 -11.07 -4.81
CA PHE A 23 -4.87 -9.90 -4.41
C PHE A 23 -5.82 -8.73 -4.27
N LEU A 24 -6.65 -8.49 -5.28
CA LEU A 24 -7.60 -7.40 -5.23
C LEU A 24 -8.58 -7.54 -4.06
N GLU A 25 -9.01 -8.76 -3.81
CA GLU A 25 -9.99 -8.97 -2.74
C GLU A 25 -9.29 -8.60 -1.42
N ALA A 26 -8.05 -9.00 -1.25
CA ALA A 26 -7.33 -8.75 0.00
C ALA A 26 -7.08 -7.28 0.18
N VAL A 27 -6.52 -6.60 -0.81
CA VAL A 27 -6.17 -5.21 -0.58
C VAL A 27 -7.39 -4.30 -0.53
N SER A 28 -8.52 -4.72 -1.07
CA SER A 28 -9.76 -3.98 -0.88
C SER A 28 -10.19 -3.76 0.57
N HIS A 29 -9.62 -4.55 1.48
CA HIS A 29 -9.90 -4.38 2.86
C HIS A 29 -9.03 -3.32 3.51
N LEU A 30 -8.07 -2.75 2.77
CA LEU A 30 -7.13 -1.82 3.40
C LEU A 30 -7.59 -0.39 3.44
N PRO A 31 -8.34 0.06 2.42
CA PRO A 31 -8.77 1.46 2.57
C PRO A 31 -9.64 1.75 3.79
N PRO A 32 -10.57 0.85 4.15
CA PRO A 32 -11.39 1.11 5.36
C PRO A 32 -10.62 1.44 6.60
N PHE A 33 -9.40 0.93 6.77
CA PHE A 33 -8.67 1.16 8.00
C PHE A 33 -8.18 2.63 8.08
N PHE A 34 -8.27 3.35 6.96
CA PHE A 34 -7.97 4.80 6.96
C PHE A 34 -8.88 5.51 7.92
N ASP A 35 -10.07 4.94 8.12
CA ASP A 35 -10.99 5.56 9.04
C ASP A 35 -10.45 5.51 10.43
N CYS A 36 -9.64 4.49 10.73
CA CYS A 36 -8.93 4.42 12.01
C CYS A 36 -7.98 5.57 12.32
N LEU A 37 -7.67 6.41 11.32
CA LEU A 37 -6.88 7.62 11.62
C LEU A 37 -7.73 8.80 12.19
N GLY A 38 -9.04 8.75 11.98
CA GLY A 38 -9.98 9.68 12.62
C GLY A 38 -9.97 11.13 12.17
N SER A 39 -9.64 11.41 10.87
CA SER A 39 -9.71 12.79 10.35
C SER A 39 -10.09 12.86 8.87
N PRO A 40 -10.82 13.93 8.43
CA PRO A 40 -11.13 14.09 7.00
C PRO A 40 -9.91 14.42 6.13
N VAL A 41 -8.81 14.76 6.78
CA VAL A 41 -7.57 14.96 6.08
C VAL A 41 -7.17 13.72 5.28
N PHE A 42 -7.57 12.53 5.73
CA PHE A 42 -7.13 11.29 5.09
C PHE A 42 -8.10 10.81 4.03
N THR A 43 -9.23 11.51 3.86
CA THR A 43 -10.24 11.14 2.85
C THR A 43 -9.71 11.06 1.39
N PRO A 44 -9.00 12.12 0.93
CA PRO A 44 -8.47 12.03 -0.43
C PRO A 44 -7.42 10.98 -0.61
N ILE A 45 -6.78 10.54 0.48
CA ILE A 45 -5.80 9.50 0.41
C ILE A 45 -6.45 8.13 0.18
N LYS A 46 -7.49 7.90 0.96
CA LYS A 46 -8.26 6.70 0.86
C LYS A 46 -8.87 6.68 -0.56
N ALA A 47 -9.28 7.83 -1.11
CA ALA A 47 -9.84 7.84 -2.46
C ALA A 47 -8.84 7.52 -3.54
N ASP A 48 -7.59 7.96 -3.38
CA ASP A 48 -6.59 7.69 -4.41
C ASP A 48 -6.28 6.17 -4.45
N ILE A 49 -6.11 5.52 -3.30
CA ILE A 49 -5.77 4.12 -3.18
C ILE A 49 -6.94 3.30 -3.68
N SER A 50 -8.14 3.68 -3.24
CA SER A 50 -9.35 2.99 -3.78
C SER A 50 -9.48 3.10 -5.30
N GLY A 51 -9.11 4.24 -5.84
CA GLY A 51 -9.22 4.44 -7.25
C GLY A 51 -8.24 3.54 -8.03
N ASN A 52 -7.04 3.33 -7.49
CA ASN A 52 -6.11 2.40 -8.10
C ASN A 52 -6.72 1.00 -8.12
N ILE A 53 -7.27 0.56 -6.98
CA ILE A 53 -7.83 -0.78 -6.86
C ILE A 53 -8.97 -0.93 -7.88
N THR A 54 -9.85 0.05 -7.98
CA THR A 54 -10.97 0.06 -8.93
C THR A 54 -10.48 -0.07 -10.39
N LYS A 55 -9.44 0.66 -10.74
CA LYS A 55 -8.90 0.61 -12.05
C LYS A 55 -8.35 -0.76 -12.37
N ILE A 56 -7.59 -1.34 -11.47
CA ILE A 56 -7.02 -2.67 -11.72
C ILE A 56 -8.17 -3.71 -11.84
N LYS A 57 -9.17 -3.61 -10.97
CA LYS A 57 -10.28 -4.52 -11.02
C LYS A 57 -11.02 -4.38 -12.35
N ALA A 58 -11.19 -3.15 -12.84
CA ALA A 58 -11.93 -2.93 -14.08
C ALA A 58 -11.22 -3.58 -15.26
N VAL A 59 -9.89 -3.51 -15.27
CA VAL A 59 -9.10 -4.15 -16.29
C VAL A 59 -9.26 -5.68 -16.17
N TYR A 60 -9.01 -6.19 -14.97
CA TYR A 60 -9.14 -7.62 -14.71
C TYR A 60 -10.48 -8.18 -15.18
N ASP A 61 -11.53 -7.47 -14.84
CA ASP A 61 -12.88 -7.92 -15.12
C ASP A 61 -13.12 -8.07 -16.62
N THR A 62 -12.40 -7.34 -17.46
CA THR A 62 -12.55 -7.49 -18.93
C THR A 62 -12.23 -8.89 -19.42
N ASN A 63 -11.27 -9.54 -18.73
CA ASN A 63 -10.88 -10.91 -19.05
C ASN A 63 -10.04 -11.51 -17.93
N PRO A 64 -10.72 -12.11 -16.92
CA PRO A 64 -9.97 -12.59 -15.77
C PRO A 64 -8.93 -13.62 -16.09
N ALA A 65 -9.18 -14.44 -17.11
CA ALA A 65 -8.18 -15.44 -17.46
C ALA A 65 -6.92 -14.80 -18.05
N LYS A 66 -7.14 -13.84 -18.93
CA LYS A 66 -6.00 -13.12 -19.56
C LYS A 66 -5.15 -12.41 -18.50
N PHE A 67 -5.85 -11.90 -17.49
CA PHE A 67 -5.25 -11.09 -16.41
C PHE A 67 -5.13 -11.89 -15.12
N ARG A 68 -4.83 -13.18 -15.25
CA ARG A 68 -4.85 -14.07 -14.12
C ARG A 68 -3.94 -13.63 -12.99
N THR A 69 -2.77 -13.16 -13.34
CA THR A 69 -1.76 -12.72 -12.38
C THR A 69 -1.37 -11.29 -12.61
N LEU A 70 -0.72 -10.68 -11.63
CA LEU A 70 -0.26 -9.30 -11.78
C LEU A 70 0.80 -9.24 -12.89
N GLN A 71 1.64 -10.24 -13.02
CA GLN A 71 2.58 -10.34 -14.13
C GLN A 71 1.87 -10.32 -15.45
N ASN A 72 0.80 -11.08 -15.56
CA ASN A 72 0.00 -11.06 -16.75
C ASN A 72 -0.49 -9.65 -17.11
N ILE A 73 -0.95 -8.90 -16.13
CA ILE A 73 -1.41 -7.52 -16.37
C ILE A 73 -0.26 -6.75 -17.08
N LEU A 74 0.94 -6.74 -16.49
CA LEU A 74 2.01 -5.94 -17.04
C LEU A 74 2.39 -6.41 -18.45
N GLU A 75 2.53 -7.73 -18.64
CA GLU A 75 2.90 -8.34 -19.93
C GLU A 75 1.88 -8.02 -20.99
N VAL A 76 0.61 -8.20 -20.66
CA VAL A 76 -0.47 -8.00 -21.59
C VAL A 76 -0.61 -6.54 -21.95
N GLU A 77 -0.58 -5.66 -20.95
CA GLU A 77 -0.68 -4.26 -21.25
C GLU A 77 0.55 -3.76 -22.04
N LYS A 78 1.74 -4.23 -21.72
CA LYS A 78 2.92 -3.86 -22.50
C LYS A 78 2.69 -4.16 -24.00
N GLU A 79 2.08 -5.33 -24.28
CA GLU A 79 1.81 -5.72 -25.66
C GLU A 79 0.68 -4.87 -26.27
N MET A 80 -0.36 -4.65 -25.50
CA MET A 80 -1.62 -3.99 -25.94
CA MET A 80 -1.59 -4.00 -25.99
C MET A 80 -1.41 -2.52 -26.28
N TYR A 81 -0.57 -1.85 -25.47
CA TYR A 81 -0.39 -0.40 -25.56
C TYR A 81 0.88 -0.09 -26.36
N GLY A 82 1.03 1.15 -26.74
CA GLY A 82 2.28 1.50 -27.44
C GLY A 82 3.32 1.98 -26.46
N ALA A 83 3.95 3.04 -26.88
CA ALA A 83 4.93 3.76 -26.12
C ALA A 83 4.35 4.48 -24.93
N GLU A 84 3.01 4.54 -24.78
CA GLU A 84 2.47 5.19 -23.57
C GLU A 84 2.66 4.29 -22.35
N TRP A 85 2.85 3.01 -22.56
CA TRP A 85 3.10 2.05 -21.45
C TRP A 85 4.54 2.28 -20.96
N PRO A 86 4.73 2.27 -19.62
CA PRO A 86 3.86 1.82 -18.54
C PRO A 86 2.97 2.85 -17.90
N LYS A 87 2.90 4.05 -18.47
CA LYS A 87 2.10 5.14 -17.89
C LYS A 87 0.65 5.08 -18.34
N VAL A 88 0.05 3.89 -18.21
CA VAL A 88 -1.30 3.65 -18.70
C VAL A 88 -1.89 2.49 -17.91
N GLY A 89 -3.22 2.42 -17.93
CA GLY A 89 -3.91 1.21 -17.59
C GLY A 89 -3.74 0.77 -16.15
N ALA A 90 -3.93 -0.52 -15.99
CA ALA A 90 -3.74 -1.11 -14.66
C ALA A 90 -2.28 -1.11 -14.26
N THR A 91 -1.35 -1.10 -15.20
CA THR A 91 0.06 -1.00 -14.89
C THR A 91 0.34 0.28 -14.11
N LEU A 92 -0.19 1.40 -14.54
CA LEU A 92 0.01 2.68 -13.84
C LEU A 92 -0.68 2.64 -12.50
N ALA A 93 -1.92 2.11 -12.48
CA ALA A 93 -2.64 2.06 -11.20
C ALA A 93 -1.89 1.23 -10.18
N LEU A 94 -1.36 0.10 -10.55
CA LEU A 94 -0.59 -0.73 -9.66
C LEU A 94 0.77 -0.10 -9.32
N MET A 95 1.34 0.68 -10.21
CA MET A 95 2.58 1.37 -9.92
C MET A 95 2.41 2.32 -8.74
N TRP A 96 1.27 2.97 -8.67
CA TRP A 96 0.93 3.86 -7.55
C TRP A 96 0.44 3.04 -6.36
N LEU A 97 -0.39 2.02 -6.60
CA LEU A 97 -0.93 1.23 -5.47
C LEU A 97 0.20 0.66 -4.69
N LYS A 98 1.21 0.11 -5.35
CA LYS A 98 2.28 -0.53 -4.61
C LYS A 98 2.97 0.44 -3.65
N ARG A 99 3.04 1.71 -4.02
CA ARG A 99 3.63 2.73 -3.14
C ARG A 99 2.80 2.98 -1.90
N GLY A 100 1.50 3.03 -2.05
CA GLY A 100 0.62 3.11 -0.92
C GLY A 100 0.70 1.88 -0.05
N LEU A 101 0.73 0.73 -0.64
CA LEU A 101 0.89 -0.52 0.09
C LEU A 101 2.21 -0.56 0.86
N ARG A 102 3.25 -0.11 0.22
CA ARG A 102 4.57 -0.06 0.86
C ARG A 102 4.53 0.96 2.04
N PHE A 103 3.90 2.12 1.85
CA PHE A 103 3.74 3.07 2.92
C PHE A 103 3.14 2.34 4.14
N ILE A 104 2.02 1.67 3.92
CA ILE A 104 1.33 1.00 5.00
C ILE A 104 2.25 0.00 5.65
N GLN A 105 2.93 -0.80 4.85
CA GLN A 105 3.87 -1.81 5.34
C GLN A 105 4.95 -1.22 6.25
N VAL A 106 5.62 -0.18 5.73
CA VAL A 106 6.70 0.42 6.48
C VAL A 106 6.21 1.07 7.79
N PHE A 107 5.06 1.73 7.68
CA PHE A 107 4.42 2.39 8.82
C PHE A 107 4.10 1.35 9.93
N LEU A 108 3.37 0.31 9.58
CA LEU A 108 3.02 -0.73 10.52
C LEU A 108 4.24 -1.43 11.09
N GLN A 109 5.22 -1.72 10.23
CA GLN A 109 6.40 -2.42 10.68
C GLN A 109 7.18 -1.53 11.70
N SER A 110 7.23 -0.24 11.43
CA SER A 110 7.87 0.71 12.31
C SER A 110 7.20 0.75 13.68
N ILE A 111 5.88 0.78 13.68
CA ILE A 111 5.13 0.76 14.94
C ILE A 111 5.42 -0.55 15.69
N CYS A 112 5.34 -1.68 14.99
CA CYS A 112 5.57 -3.00 15.61
C CYS A 112 6.97 -3.14 16.14
N ASP A 113 7.92 -2.53 15.47
CA ASP A 113 9.33 -2.62 15.89
C ASP A 113 9.67 -1.67 17.04
N GLY A 114 8.71 -0.93 17.52
CA GLY A 114 8.94 -0.13 18.73
C GLY A 114 9.60 1.21 18.46
N GLU A 115 9.65 1.61 17.20
CA GLU A 115 10.22 2.89 16.81
C GLU A 115 9.33 3.98 17.32
N ARG A 116 9.92 4.97 17.97
CA ARG A 116 9.16 6.05 18.57
C ARG A 116 10.09 7.25 18.80
N ASP A 117 9.49 8.43 18.84
CA ASP A 117 10.12 9.61 19.34
C ASP A 117 10.03 9.49 20.87
N GLU A 118 11.19 9.35 21.52
CA GLU A 118 11.19 9.11 22.96
C GLU A 118 10.66 10.33 23.72
N ASN A 119 10.70 11.51 23.08
CA ASN A 119 10.06 12.71 23.63
C ASN A 119 8.55 12.66 23.53
N HIS A 120 8.02 11.98 22.50
CA HIS A 120 6.57 11.87 22.27
C HIS A 120 6.17 10.44 21.89
N PRO A 121 6.33 9.53 22.86
CA PRO A 121 6.20 8.10 22.55
C PRO A 121 4.82 7.67 22.14
N ASN A 122 3.78 8.47 22.41
CA ASN A 122 2.44 8.11 21.95
C ASN A 122 1.89 8.79 20.67
N LEU A 123 2.77 9.40 19.89
CA LEU A 123 2.40 9.87 18.56
C LEU A 123 2.84 8.80 17.62
N ILE A 124 2.39 8.90 16.38
CA ILE A 124 2.85 8.05 15.29
C ILE A 124 3.50 8.86 14.15
N ARG A 125 3.85 10.13 14.43
CA ARG A 125 4.46 10.96 13.36
CA ARG A 125 4.52 11.01 13.42
C ARG A 125 5.80 10.38 12.85
N VAL A 126 6.68 9.91 13.73
CA VAL A 126 7.98 9.42 13.29
C VAL A 126 7.77 8.22 12.38
N ASN A 127 6.77 7.40 12.73
CA ASN A 127 6.54 6.17 11.99
C ASN A 127 5.98 6.50 10.61
N ALA A 128 5.07 7.44 10.57
CA ALA A 128 4.50 7.87 9.29
C ALA A 128 5.51 8.59 8.42
N THR A 129 6.33 9.42 9.01
CA THR A 129 7.41 10.11 8.26
C THR A 129 8.37 9.15 7.65
N LYS A 130 8.81 8.14 8.38
CA LYS A 130 9.69 7.13 7.83
C LYS A 130 9.02 6.45 6.65
N ALA A 131 7.76 6.07 6.84
CA ALA A 131 7.08 5.35 5.79
C ALA A 131 6.90 6.24 4.55
N TYR A 132 6.60 7.49 4.75
CA TYR A 132 6.49 8.46 3.65
C TYR A 132 7.80 8.62 2.91
N GLU A 133 8.90 8.78 3.63
CA GLU A 133 10.23 8.89 3.05
C GLU A 133 10.59 7.67 2.23
N MET A 134 10.29 6.50 2.75
CA MET A 134 10.67 5.25 2.09
C MET A 134 9.80 4.91 0.91
N ALA A 135 8.53 5.28 0.92
CA ALA A 135 7.60 4.78 -0.09
C ALA A 135 7.12 5.82 -1.12
N LEU A 136 6.97 7.08 -0.74
CA LEU A 136 6.26 8.03 -1.58
C LEU A 136 6.99 9.35 -1.85
N LYS A 137 7.77 9.82 -0.90
CA LYS A 137 8.27 11.21 -0.96
C LYS A 137 8.95 11.57 -2.28
N LYS A 138 9.73 10.62 -2.77
CA LYS A 138 10.52 10.80 -4.00
C LYS A 138 9.63 11.14 -5.20
N TYR A 139 8.35 10.72 -5.14
CA TYR A 139 7.41 10.89 -6.23
C TYR A 139 6.53 12.11 -6.11
N HIS A 140 6.83 12.94 -5.12
CA HIS A 140 6.13 14.19 -4.85
C HIS A 140 7.03 15.37 -5.03
N GLY A 141 6.50 16.35 -5.72
CA GLY A 141 7.12 17.66 -5.79
C GLY A 141 7.05 18.34 -4.44
N TRP A 142 7.75 19.45 -4.31
CA TRP A 142 7.86 20.12 -3.03
C TRP A 142 6.53 20.58 -2.45
N ILE A 143 5.58 20.91 -3.31
CA ILE A 143 4.29 21.40 -2.76
C ILE A 143 3.49 20.27 -2.12
N VAL A 144 3.42 19.12 -2.78
CA VAL A 144 2.78 17.95 -2.22
C VAL A 144 3.50 17.47 -0.96
N GLN A 145 4.83 17.51 -0.95
CA GLN A 145 5.56 17.13 0.25
C GLN A 145 5.17 18.06 1.43
N LYS A 146 5.00 19.36 1.18
CA LYS A 146 4.59 20.29 2.22
C LYS A 146 3.18 19.93 2.73
N ILE A 147 2.33 19.57 1.81
CA ILE A 147 0.98 19.16 2.16
C ILE A 147 1.02 17.91 3.07
N PHE A 148 1.82 16.91 2.74
CA PHE A 148 2.03 15.74 3.67
C PHE A 148 2.48 16.12 5.06
N GLN A 149 3.51 16.97 5.15
CA GLN A 149 4.00 17.34 6.48
C GLN A 149 2.92 17.96 7.29
N ALA A 150 2.07 18.79 6.66
CA ALA A 150 1.00 19.43 7.38
C ALA A 150 -0.05 18.37 7.80
N ALA A 151 -0.38 17.49 6.88
CA ALA A 151 -1.42 16.49 7.13
C ALA A 151 -1.06 15.53 8.30
N LEU A 152 0.23 15.24 8.46
CA LEU A 152 0.63 14.38 9.55
C LEU A 152 0.23 14.82 10.94
N TYR A 153 0.01 16.11 11.14
CA TYR A 153 -0.48 16.61 12.39
C TYR A 153 -1.86 16.12 12.75
N ALA A 154 -2.58 15.61 11.75
CA ALA A 154 -3.93 15.11 11.93
C ALA A 154 -3.93 13.65 12.38
N ALA A 155 -2.76 13.02 12.40
CA ALA A 155 -2.64 11.60 12.74
C ALA A 155 -3.10 11.41 14.23
N PRO A 156 -3.68 10.26 14.54
CA PRO A 156 -4.11 9.95 15.91
C PRO A 156 -2.95 9.61 16.83
N TYR A 157 -3.24 9.56 18.13
CA TYR A 157 -2.32 8.95 19.10
C TYR A 157 -2.17 7.45 18.73
N LYS A 158 -0.99 6.91 19.02
CA LYS A 158 -0.63 5.52 18.74
C LYS A 158 -1.58 4.58 19.47
N SER A 159 -1.75 4.80 20.75
CA SER A 159 -2.62 3.93 21.50
C SER A 159 -4.03 3.92 20.93
N ASP A 160 -4.53 5.10 20.52
CA ASP A 160 -5.87 5.17 19.93
C ASP A 160 -5.96 4.47 18.58
N PHE A 161 -4.96 4.65 17.74
CA PHE A 161 -4.92 3.99 16.46
C PHE A 161 -4.94 2.47 16.59
N LEU A 162 -4.11 1.95 17.47
CA LEU A 162 -4.09 0.51 17.70
C LEU A 162 -5.41 -0.01 18.25
N LYS A 163 -6.02 0.72 19.18
CA LYS A 163 -7.31 0.30 19.73
C LYS A 163 -8.30 0.30 18.59
N ALA A 164 -8.20 1.30 17.69
CA ALA A 164 -9.19 1.37 16.62
C ALA A 164 -9.05 0.19 15.66
N LEU A 165 -7.83 -0.33 15.48
CA LEU A 165 -7.58 -1.49 14.65
C LEU A 165 -8.18 -2.78 15.18
N SER A 166 -8.42 -2.84 16.48
CA SER A 166 -8.94 -4.04 17.13
C SER A 166 -10.30 -3.85 17.83
N LYS A 167 -11.05 -2.82 17.42
CA LYS A 167 -12.28 -2.44 18.12
C LYS A 167 -13.32 -3.57 18.12
N GLY A 168 -13.81 -3.88 19.31
CA GLY A 168 -14.77 -4.96 19.55
C GLY A 168 -14.11 -6.27 19.97
N GLN A 169 -12.84 -6.45 19.62
CA GLN A 169 -12.15 -7.74 19.87
C GLN A 169 -11.71 -7.92 21.32
N ASN A 170 -11.62 -6.82 22.06
CA ASN A 170 -11.21 -6.87 23.47
C ASN A 170 -9.88 -7.61 23.67
N VAL A 171 -8.90 -7.16 22.92
CA VAL A 171 -7.54 -7.68 23.03
C VAL A 171 -6.62 -6.58 23.55
N THR A 172 -5.49 -7.03 24.09
CA THR A 172 -4.48 -6.12 24.55
C THR A 172 -3.73 -5.51 23.36
N GLU A 173 -3.04 -4.41 23.64
CA GLU A 173 -2.19 -3.86 22.63
C GLU A 173 -1.14 -4.86 22.12
N GLU A 174 -0.58 -5.61 23.08
CA GLU A 174 0.44 -6.61 22.73
C GLU A 174 -0.12 -7.64 21.77
N GLU A 175 -1.33 -8.11 22.03
CA GLU A 175 -2.00 -9.03 21.09
C GLU A 175 -2.30 -8.38 19.76
N CYS A 176 -2.75 -7.14 19.76
CA CYS A 176 -2.99 -6.44 18.52
C CYS A 176 -1.72 -6.38 17.68
N LEU A 177 -0.59 -6.02 18.31
CA LEU A 177 0.63 -5.94 17.58
C LEU A 177 1.11 -7.31 17.05
N GLU A 178 0.89 -8.38 17.81
CA GLU A 178 1.23 -9.71 17.31
C GLU A 178 0.44 -10.01 16.03
N LYS A 179 -0.86 -9.63 16.01
CA LYS A 179 -1.69 -9.90 14.82
C LYS A 179 -1.19 -9.05 13.62
N ILE A 180 -0.75 -7.80 13.89
CA ILE A 180 -0.18 -6.95 12.84
C ILE A 180 1.05 -7.61 12.29
N ARG A 181 1.93 -8.08 13.17
CA ARG A 181 3.15 -8.71 12.75
C ARG A 181 2.83 -9.94 11.86
N LEU A 182 1.80 -10.70 12.22
CA LEU A 182 1.38 -11.85 11.40
C LEU A 182 1.00 -11.38 10.01
N PHE A 183 0.16 -10.36 9.97
CA PHE A 183 -0.27 -9.79 8.69
C PHE A 183 0.93 -9.35 7.84
N LEU A 184 1.92 -8.75 8.49
CA LEU A 184 3.05 -8.19 7.78
C LEU A 184 3.88 -9.24 7.06
N VAL A 185 3.85 -10.51 7.47
CA VAL A 185 4.69 -11.51 6.83
C VAL A 185 4.37 -11.67 5.31
N ASN A 186 3.15 -12.09 5.00
CA ASN A 186 2.83 -12.31 3.60
C ASN A 186 2.64 -10.98 2.87
N TYR A 187 2.23 -9.94 3.61
CA TYR A 187 2.04 -8.64 3.01
C TYR A 187 3.37 -8.06 2.50
N THR A 188 4.39 -8.06 3.36
CA THR A 188 5.71 -7.59 2.96
C THR A 188 6.25 -8.40 1.77
N ALA A 189 6.15 -9.73 1.87
CA ALA A 189 6.69 -10.57 0.83
C ALA A 189 6.06 -10.24 -0.51
N THR A 190 4.74 -10.05 -0.49
CA THR A 190 3.99 -9.78 -1.69
C THR A 190 4.38 -8.43 -2.30
N ILE A 191 4.49 -7.41 -1.48
CA ILE A 191 4.88 -6.10 -1.97
C ILE A 191 6.28 -6.18 -2.56
N ASP A 192 7.20 -6.86 -1.88
CA ASP A 192 8.56 -6.96 -2.38
C ASP A 192 8.54 -7.59 -3.80
N VAL A 193 7.77 -8.64 -4.01
CA VAL A 193 7.68 -9.30 -5.33
C VAL A 193 7.10 -8.32 -6.34
N ILE A 194 6.10 -7.56 -5.98
CA ILE A 194 5.54 -6.59 -6.91
C ILE A 194 6.59 -5.58 -7.36
N TYR A 195 7.30 -5.02 -6.40
CA TYR A 195 8.39 -4.09 -6.74
C TYR A 195 9.43 -4.70 -7.64
N GLU A 196 9.84 -5.94 -7.36
CA GLU A 196 10.80 -6.64 -8.19
C GLU A 196 10.25 -6.87 -9.58
N MET A 197 8.99 -7.22 -9.69
CA MET A 197 8.37 -7.38 -11.03
C MET A 197 8.44 -6.05 -11.81
N TYR A 198 8.13 -4.93 -11.19
CA TYR A 198 8.22 -3.63 -11.89
C TYR A 198 9.63 -3.38 -12.37
N THR A 199 10.63 -3.76 -11.61
CA THR A 199 12.01 -3.65 -12.04
C THR A 199 12.29 -4.56 -13.24
N GLN A 200 11.89 -5.82 -13.12
CA GLN A 200 12.20 -6.79 -14.14
C GLN A 200 11.54 -6.41 -15.50
N MET A 201 10.32 -5.89 -15.43
CA MET A 201 9.52 -5.51 -16.61
C MET A 201 9.82 -4.11 -17.13
N ASN A 202 10.73 -3.40 -16.44
CA ASN A 202 11.05 -1.99 -16.71
CA ASN A 202 11.04 -2.01 -16.79
C ASN A 202 9.74 -1.19 -16.85
N ALA A 203 8.88 -1.40 -15.84
CA ALA A 203 7.57 -0.81 -15.75
C ALA A 203 7.49 0.34 -14.74
N GLU A 204 8.59 0.57 -14.02
CA GLU A 204 8.62 1.59 -13.00
C GLU A 204 8.95 2.95 -13.62
N LEU A 205 8.23 3.99 -13.21
CA LEU A 205 8.51 5.40 -13.57
C LEU A 205 8.86 6.20 -12.33
N ASN A 206 9.54 7.35 -12.52
CA ASN A 206 10.01 8.15 -11.42
C ASN A 206 9.48 9.58 -11.42
N TYR A 207 8.49 9.84 -12.21
CA TYR A 207 7.98 11.19 -12.31
C TYR A 207 7.32 11.61 -11.00
N LYS A 208 7.35 12.91 -10.76
CA LYS A 208 6.83 13.53 -9.56
C LYS A 208 5.48 14.14 -9.87
N VAL A 209 4.63 14.20 -8.84
CA VAL A 209 3.43 14.93 -8.97
C VAL A 209 3.44 16.28 -8.24
#